data_7UAW
#
_entry.id   7UAW
#
_cell.length_a   123.976
_cell.length_b   123.976
_cell.length_c   112.533
_cell.angle_alpha   90.000
_cell.angle_beta   90.000
_cell.angle_gamma   120.000
#
_symmetry.space_group_name_H-M   'H 3 2'
#
loop_
_entity.id
_entity.type
_entity.pdbx_description
1 polymer 'ABC transporter ATPase'
2 non-polymer (1S,3R,4R,6R,9S,11R,14R,15S,16R,18R)-4-(6-amino-9H-purin-9-yl)-9,11,15,16,18-pentahydroxy-2,5,8,10,12,17-hexaoxa-9lambda~5~,11lambda~5~-diphosphatricyclo[12.2.1.1~3,6~]octadecane-9,11-dione
3 water water
#
_entity_poly.entity_id   1
_entity_poly.type   'polypeptide(L)'
_entity_poly.pdbx_seq_one_letter_code
;SMKELSTIQKREKLNTVERIGSEGPGGAYHEYVIKSNSMDSQGNYDVYETIKFQKGARKEEKSQHGVIDSDLLEIVRDRL
KSFQAGPFSSRENACALTHVEEALMWMNRRVEDRIERNVLGTNTK
;
_entity_poly.pdbx_strand_id   A,B
#
loop_
_chem_comp.id
_chem_comp.type
_chem_comp.name
_chem_comp.formula
MF6 non-polymer (1S,3R,4R,6R,9S,11R,14R,15S,16R,18R)-4-(6-amino-9H-purin-9-yl)-9,11,15,16,18-pentahydroxy-2,5,8,10,12,17-hexaoxa-9lambda~5~,11lambda~5~-diphosphatricyclo[12.2.1.1~3,6~]octadecane-9,11-dione 'C15 H21 N5 O13 P2'
#
# COMPACT_ATOMS: atom_id res chain seq x y z
N SER A 1 11.21 18.32 5.47
CA SER A 1 9.97 18.99 5.01
C SER A 1 8.84 18.00 4.76
N MET A 2 7.67 18.49 4.33
CA MET A 2 6.51 17.65 4.12
C MET A 2 5.68 18.27 3.02
N LYS A 3 5.12 17.41 2.16
CA LYS A 3 4.17 17.87 1.14
C LYS A 3 3.02 16.89 1.04
N GLU A 4 1.78 17.39 0.94
CA GLU A 4 0.64 16.47 0.77
C GLU A 4 0.54 15.99 -0.66
N LEU A 5 0.19 14.72 -0.84
CA LEU A 5 0.05 14.18 -2.18
C LEU A 5 -1.27 14.59 -2.80
N SER A 6 -1.22 14.90 -4.10
CA SER A 6 -2.45 15.08 -4.88
C SER A 6 -2.94 13.69 -5.23
N THR A 7 -4.10 13.29 -4.70
CA THR A 7 -4.59 11.94 -4.93
C THR A 7 -5.62 11.89 -6.05
N ILE A 8 -5.80 10.69 -6.60
CA ILE A 8 -6.85 10.51 -7.63
C ILE A 8 -8.23 10.75 -7.04
N GLN A 9 -8.43 10.31 -5.80
CA GLN A 9 -9.66 10.58 -5.10
C GLN A 9 -9.70 12.06 -4.70
N LYS A 10 -10.80 12.72 -5.03
CA LYS A 10 -10.98 14.13 -4.71
C LYS A 10 -12.05 14.40 -3.67
N ARG A 11 -13.03 13.53 -3.51
CA ARG A 11 -14.14 13.84 -2.60
C ARG A 11 -14.29 12.74 -1.56
N GLU A 12 -14.77 13.15 -0.37
CA GLU A 12 -14.94 12.22 0.76
C GLU A 12 -13.68 11.39 1.07
N LYS A 13 -12.51 12.03 1.08
CA LYS A 13 -11.28 11.37 1.49
C LYS A 13 -11.25 11.19 3.01
N LEU A 14 -11.04 9.94 3.46
CA LEU A 14 -10.90 9.73 4.91
C LEU A 14 -9.61 10.32 5.43
N ASN A 15 -8.51 10.07 4.72
CA ASN A 15 -7.16 10.42 5.14
C ASN A 15 -6.48 11.20 4.02
N THR A 16 -5.49 12.00 4.40
CA THR A 16 -4.56 12.59 3.47
C THR A 16 -3.24 11.81 3.58
N VAL A 17 -2.49 11.79 2.49
CA VAL A 17 -1.17 11.15 2.48
C VAL A 17 -0.12 12.23 2.30
N GLU A 18 0.91 12.17 3.12
CA GLU A 18 1.95 13.19 3.17
C GLU A 18 3.27 12.53 2.86
N ARG A 19 4.08 13.18 2.05
CA ARG A 19 5.42 12.75 1.72
C ARG A 19 6.41 13.48 2.61
N ILE A 20 7.24 12.73 3.38
CA ILE A 20 8.12 13.32 4.39
C ILE A 20 9.56 13.30 3.88
N GLY A 21 10.29 14.39 4.10
CA GLY A 21 11.73 14.38 3.89
C GLY A 21 12.13 14.74 2.47
N SER A 22 13.32 14.30 2.10
CA SER A 22 13.93 14.62 0.81
C SER A 22 14.08 13.36 -0.03
N GLU A 23 14.37 13.55 -1.31
CA GLU A 23 14.71 12.44 -2.18
C GLU A 23 15.98 11.76 -1.71
N GLY A 24 15.99 10.43 -1.76
CA GLY A 24 17.10 9.67 -1.27
C GLY A 24 17.55 8.68 -2.32
N PRO A 25 17.99 7.49 -1.90
CA PRO A 25 18.41 6.47 -2.87
C PRO A 25 17.34 6.15 -3.92
N GLY A 26 17.80 5.89 -5.16
CA GLY A 26 16.92 5.62 -6.26
C GLY A 26 16.13 6.81 -6.75
N GLY A 27 16.32 7.99 -6.14
CA GLY A 27 15.51 9.18 -6.39
C GLY A 27 14.21 9.21 -5.62
N ALA A 28 14.02 8.31 -4.66
CA ALA A 28 12.73 8.13 -4.02
C ALA A 28 12.71 8.76 -2.63
N TYR A 29 11.49 9.02 -2.17
CA TYR A 29 11.23 9.42 -0.80
C TYR A 29 10.98 8.15 0.00
N HIS A 30 11.29 8.20 1.30
CA HIS A 30 11.30 6.96 2.07
C HIS A 30 10.45 6.97 3.32
N GLU A 31 9.63 8.00 3.50
CA GLU A 31 8.78 8.12 4.69
C GLU A 31 7.51 8.83 4.30
N TYR A 32 6.37 8.23 4.63
CA TYR A 32 5.06 8.77 4.30
C TYR A 32 4.17 8.71 5.52
N VAL A 33 3.28 9.69 5.65
CA VAL A 33 2.35 9.74 6.76
C VAL A 33 0.93 9.64 6.20
N ILE A 34 0.11 8.80 6.81
CA ILE A 34 -1.32 8.73 6.53
C ILE A 34 -2.03 9.38 7.74
N LYS A 35 -2.84 10.40 7.48
CA LYS A 35 -3.40 11.25 8.54
C LYS A 35 -4.86 11.52 8.25
N SER A 36 -5.71 11.38 9.28
CA SER A 36 -7.12 11.71 9.13
C SER A 36 -7.31 13.11 8.57
N ASN A 37 -8.26 13.25 7.65
CA ASN A 37 -8.51 14.59 7.14
C ASN A 37 -9.21 15.47 8.16
N SER A 38 -10.14 14.92 8.93
CA SER A 38 -10.84 15.75 9.87
C SER A 38 -10.59 15.28 11.30
N MET A 39 -10.81 16.22 12.24
CA MET A 39 -10.72 16.06 13.70
C MET A 39 -12.05 15.71 14.35
N ASP A 40 -11.98 15.04 15.50
CA ASP A 40 -13.19 14.91 16.30
C ASP A 40 -13.41 16.20 17.10
N SER A 41 -14.40 16.17 17.99
CA SER A 41 -14.80 17.37 18.73
C SER A 41 -13.75 17.78 19.73
N GLN A 42 -12.80 16.90 20.05
CA GLN A 42 -11.71 17.16 20.98
C GLN A 42 -10.41 17.51 20.27
N GLY A 43 -10.45 17.65 18.96
CA GLY A 43 -9.29 18.01 18.18
C GLY A 43 -8.39 16.86 17.75
N ASN A 44 -8.82 15.62 17.97
CA ASN A 44 -7.96 14.48 17.64
C ASN A 44 -8.15 14.10 16.17
N TYR A 45 -7.03 13.81 15.50
CA TYR A 45 -6.99 13.15 14.20
C TYR A 45 -6.83 11.67 14.50
N ASP A 46 -7.88 10.88 14.29
CA ASP A 46 -7.86 9.49 14.74
C ASP A 46 -6.69 8.73 14.13
N VAL A 47 -6.38 8.98 12.86
CA VAL A 47 -5.34 8.24 12.13
C VAL A 47 -4.11 9.11 11.99
N TYR A 48 -2.95 8.58 12.43
CA TYR A 48 -1.67 9.22 12.18
C TYR A 48 -0.64 8.09 12.13
N GLU A 49 -0.29 7.67 10.93
CA GLU A 49 0.54 6.47 10.75
C GLU A 49 1.69 6.78 9.83
N THR A 50 2.88 6.33 10.20
CA THR A 50 4.09 6.54 9.42
C THR A 50 4.51 5.23 8.78
N ILE A 51 4.82 5.26 7.47
CA ILE A 51 5.37 4.11 6.77
C ILE A 51 6.76 4.49 6.28
N LYS A 52 7.75 3.65 6.57
CA LYS A 52 9.13 3.93 6.23
C LYS A 52 9.61 2.82 5.32
N PHE A 53 10.19 3.20 4.18
CA PHE A 53 10.67 2.24 3.20
C PHE A 53 12.12 1.85 3.35
N GLN A 54 12.41 0.63 2.87
CA GLN A 54 13.77 0.20 2.60
C GLN A 54 14.51 1.34 1.93
N LYS A 55 15.66 1.74 2.47
CA LYS A 55 16.32 2.96 2.02
C LYS A 55 17.73 2.62 1.60
N GLY A 56 17.92 2.57 0.30
CA GLY A 56 19.15 2.10 -0.30
C GLY A 56 19.03 0.65 -0.66
N ALA A 57 19.69 0.27 -1.78
CA ALA A 57 19.61 -1.09 -2.26
C ALA A 57 20.16 -2.07 -1.22
N ARG A 58 19.53 -3.24 -1.11
CA ARG A 58 19.69 -4.03 0.10
C ARG A 58 21.13 -4.51 0.28
N LYS A 59 21.90 -4.63 -0.79
CA LYS A 59 23.27 -5.10 -0.60
C LYS A 59 24.27 -3.97 -0.46
N GLU A 60 23.83 -2.73 -0.55
CA GLU A 60 24.74 -1.60 -0.54
C GLU A 60 25.06 -1.24 0.90
N GLU A 61 26.29 -0.77 1.13
CA GLU A 61 26.66 -0.45 2.49
C GLU A 61 25.81 0.71 3.01
N LYS A 62 25.43 0.62 4.28
CA LYS A 62 24.63 1.64 4.99
C LYS A 62 23.16 1.70 4.56
N SER A 63 22.68 0.76 3.74
CA SER A 63 21.24 0.74 3.48
C SER A 63 20.48 0.41 4.76
N GLN A 64 19.23 0.87 4.84
CA GLN A 64 18.40 0.65 6.03
C GLN A 64 17.17 -0.15 5.66
N HIS A 65 16.85 -1.15 6.49
CA HIS A 65 15.73 -2.02 6.18
C HIS A 65 14.40 -1.32 6.44
N GLY A 66 13.40 -1.66 5.64
CA GLY A 66 12.07 -1.06 5.76
C GLY A 66 11.10 -1.82 4.88
N VAL A 67 9.90 -1.26 4.76
CA VAL A 67 8.85 -1.77 3.87
C VAL A 67 9.27 -1.61 2.42
N ILE A 68 8.69 -2.44 1.55
CA ILE A 68 8.90 -2.31 0.12
C ILE A 68 7.54 -2.22 -0.56
N ASP A 69 7.52 -1.58 -1.73
CA ASP A 69 6.26 -1.21 -2.35
C ASP A 69 5.36 -2.41 -2.62
N SER A 70 5.94 -3.53 -3.04
CA SER A 70 5.09 -4.69 -3.27
C SER A 70 4.37 -5.14 -2.02
N ASP A 71 4.94 -4.93 -0.83
CA ASP A 71 4.24 -5.28 0.41
C ASP A 71 2.89 -4.59 0.50
N LEU A 72 2.88 -3.28 0.22
CA LEU A 72 1.63 -2.51 0.29
C LEU A 72 0.62 -2.97 -0.76
N LEU A 73 1.09 -3.22 -1.98
CA LEU A 73 0.15 -3.70 -3.01
C LEU A 73 -0.39 -5.09 -2.67
N GLU A 74 0.44 -5.97 -2.06
CA GLU A 74 -0.05 -7.29 -1.68
C GLU A 74 -1.16 -7.19 -0.64
N ILE A 75 -1.04 -6.22 0.27
CA ILE A 75 -2.07 -6.02 1.26
C ILE A 75 -3.37 -5.60 0.58
N VAL A 76 -3.27 -4.66 -0.38
CA VAL A 76 -4.49 -4.19 -1.05
C VAL A 76 -5.07 -5.29 -1.94
N ARG A 77 -4.20 -6.07 -2.60
CA ARG A 77 -4.65 -7.24 -3.34
C ARG A 77 -5.47 -8.17 -2.46
N ASP A 78 -4.96 -8.49 -1.25
CA ASP A 78 -5.69 -9.38 -0.38
C ASP A 78 -7.01 -8.77 0.08
N ARG A 79 -7.01 -7.46 0.40
CA ARG A 79 -8.24 -6.77 0.78
C ARG A 79 -9.28 -6.85 -0.33
N LEU A 80 -8.86 -6.56 -1.55
CA LEU A 80 -9.81 -6.58 -2.67
C LEU A 80 -10.36 -7.98 -2.92
N LYS A 81 -9.50 -9.00 -2.81
CA LYS A 81 -9.98 -10.38 -2.91
C LYS A 81 -11.01 -10.67 -1.83
N SER A 82 -10.75 -10.24 -0.59
CA SER A 82 -11.73 -10.43 0.48
C SER A 82 -13.04 -9.72 0.13
N PHE A 83 -12.97 -8.48 -0.31
CA PHE A 83 -14.21 -7.76 -0.62
C PHE A 83 -15.02 -8.49 -1.69
N GLN A 84 -14.33 -9.06 -2.68
CA GLN A 84 -15.02 -9.76 -3.77
C GLN A 84 -15.64 -11.06 -3.32
N ALA A 85 -15.13 -11.67 -2.24
CA ALA A 85 -15.71 -12.88 -1.69
C ALA A 85 -16.75 -12.59 -0.63
N GLY A 86 -17.00 -11.32 -0.32
CA GLY A 86 -17.88 -10.90 0.74
C GLY A 86 -19.20 -10.35 0.24
N PRO A 87 -19.97 -9.73 1.14
CA PRO A 87 -21.36 -9.34 0.80
C PRO A 87 -21.47 -8.12 -0.09
N PHE A 88 -20.40 -7.38 -0.35
CA PHE A 88 -20.48 -6.16 -1.15
C PHE A 88 -19.45 -6.15 -2.25
N SER A 89 -19.40 -7.26 -3.01
CA SER A 89 -18.57 -7.33 -4.22
C SER A 89 -19.01 -6.28 -5.24
N SER A 90 -18.09 -5.87 -6.10
CA SER A 90 -18.46 -4.94 -7.15
C SER A 90 -17.55 -5.14 -8.35
N ARG A 91 -18.05 -4.75 -9.52
CA ARG A 91 -17.22 -4.73 -10.72
C ARG A 91 -16.01 -3.81 -10.52
N GLU A 92 -16.19 -2.68 -9.82
CA GLU A 92 -15.06 -1.78 -9.65
C GLU A 92 -13.96 -2.46 -8.87
N ASN A 93 -14.34 -3.24 -7.85
CA ASN A 93 -13.33 -3.98 -7.08
C ASN A 93 -12.62 -4.99 -7.97
N ALA A 94 -13.37 -5.66 -8.82
CA ALA A 94 -12.80 -6.68 -9.72
C ALA A 94 -11.73 -6.08 -10.60
N CYS A 95 -12.02 -4.91 -11.17
CA CYS A 95 -11.10 -4.25 -12.09
C CYS A 95 -9.92 -3.68 -11.34
N ALA A 96 -10.16 -3.05 -10.16
CA ALA A 96 -9.03 -2.59 -9.36
C ALA A 96 -8.11 -3.75 -9.02
N LEU A 97 -8.68 -4.89 -8.59
CA LEU A 97 -7.87 -6.06 -8.21
C LEU A 97 -6.98 -6.52 -9.37
N THR A 98 -7.55 -6.63 -10.59
CA THR A 98 -6.73 -7.07 -11.70
C THR A 98 -5.58 -6.10 -11.95
N HIS A 99 -5.83 -4.79 -11.81
CA HIS A 99 -4.75 -3.83 -12.04
C HIS A 99 -3.71 -3.87 -10.94
N VAL A 100 -4.13 -4.09 -9.70
CA VAL A 100 -3.14 -4.21 -8.63
C VAL A 100 -2.27 -5.43 -8.87
N GLU A 101 -2.87 -6.57 -9.25
CA GLU A 101 -2.07 -7.76 -9.54
C GLU A 101 -1.16 -7.55 -10.75
N GLU A 102 -1.64 -6.84 -11.78
CA GLU A 102 -0.75 -6.60 -12.92
C GLU A 102 0.42 -5.72 -12.51
N ALA A 103 0.18 -4.69 -11.68
CA ALA A 103 1.31 -3.93 -11.13
C ALA A 103 2.31 -4.85 -10.44
N LEU A 104 1.82 -5.69 -9.54
CA LEU A 104 2.70 -6.60 -8.80
C LEU A 104 3.48 -7.51 -9.75
N MET A 105 2.80 -7.97 -10.80
CA MET A 105 3.48 -8.82 -11.77
C MET A 105 4.61 -8.09 -12.46
N TRP A 106 4.39 -6.83 -12.83
CA TRP A 106 5.45 -6.04 -13.42
C TRP A 106 6.57 -5.81 -12.44
N MET A 107 6.25 -5.49 -11.16
CA MET A 107 7.32 -5.33 -10.18
C MET A 107 8.14 -6.61 -10.02
N ASN A 108 7.47 -7.77 -9.99
CA ASN A 108 8.21 -9.04 -9.84
C ASN A 108 9.02 -9.37 -11.10
N ARG A 109 8.52 -8.99 -12.27
CA ARG A 109 9.33 -9.16 -13.49
C ARG A 109 10.63 -8.39 -13.40
N ARG A 110 10.56 -7.18 -12.87
CA ARG A 110 11.76 -6.40 -12.63
C ARG A 110 12.69 -7.14 -11.67
N VAL A 111 12.16 -7.58 -10.52
CA VAL A 111 12.98 -8.34 -9.57
C VAL A 111 13.69 -9.50 -10.26
N GLU A 112 12.93 -10.37 -10.97
CA GLU A 112 13.51 -11.58 -11.57
C GLU A 112 14.52 -11.24 -12.66
N ASP A 113 14.30 -10.13 -13.36
CA ASP A 113 15.30 -9.69 -14.33
C ASP A 113 16.58 -9.27 -13.62
N ARG A 114 16.46 -8.56 -12.50
CA ARG A 114 17.64 -8.14 -11.76
C ARG A 114 18.34 -9.34 -11.15
N ILE A 115 17.60 -10.38 -10.74
CA ILE A 115 18.25 -11.61 -10.28
C ILE A 115 19.04 -12.23 -11.43
N GLU A 116 18.43 -12.32 -12.60
CA GLU A 116 19.11 -12.95 -13.72
C GLU A 116 20.40 -12.20 -14.06
N ARG A 117 20.38 -10.88 -14.01
CA ARG A 117 21.53 -10.06 -14.36
C ARG A 117 22.44 -9.85 -13.17
N ASN A 118 22.12 -10.48 -12.04
CA ASN A 118 22.97 -10.44 -10.84
C ASN A 118 23.19 -9.01 -10.34
N VAL A 119 22.13 -8.19 -10.40
CA VAL A 119 22.18 -6.80 -9.96
C VAL A 119 21.16 -6.48 -8.87
N LEU A 120 20.31 -7.43 -8.48
CA LEU A 120 19.33 -7.13 -7.44
C LEU A 120 20.03 -6.66 -6.17
N GLY A 121 19.51 -5.55 -5.61
CA GLY A 121 20.10 -5.01 -4.39
C GLY A 121 21.36 -4.18 -4.60
N THR A 122 21.66 -3.79 -5.84
CA THR A 122 22.81 -2.94 -6.09
C THR A 122 22.35 -1.71 -6.87
N ASN A 123 23.15 -0.65 -6.82
CA ASN A 123 22.85 0.57 -7.57
C ASN A 123 23.37 0.48 -9.00
N THR A 124 22.84 -0.48 -9.76
CA THR A 124 23.23 -0.72 -11.14
C THR A 124 21.97 -0.77 -11.97
N LYS A 125 21.99 -0.15 -13.15
CA LYS A 125 20.86 -0.26 -14.08
C LYS A 125 20.52 -1.73 -14.33
N SER B 1 -4.71 -14.97 15.63
CA SER B 1 -4.53 -15.81 14.44
C SER B 1 -3.78 -15.04 13.37
N MET B 2 -3.10 -15.76 12.47
CA MET B 2 -2.17 -15.17 11.53
C MET B 2 -2.00 -16.09 10.31
N LYS B 3 -1.94 -15.49 9.13
CA LYS B 3 -1.69 -16.26 7.91
C LYS B 3 -0.76 -15.49 6.98
N GLU B 4 0.28 -16.15 6.47
CA GLU B 4 1.17 -15.51 5.53
C GLU B 4 0.46 -15.38 4.20
N LEU B 5 0.55 -14.21 3.57
CA LEU B 5 0.00 -14.05 2.22
C LEU B 5 0.83 -14.81 1.20
N SER B 6 0.17 -15.41 0.21
CA SER B 6 0.90 -15.96 -0.94
C SER B 6 1.10 -14.80 -1.91
N THR B 7 2.35 -14.36 -2.10
CA THR B 7 2.61 -13.16 -2.88
C THR B 7 2.98 -13.51 -4.33
N ILE B 8 2.80 -12.52 -5.21
CA ILE B 8 3.23 -12.72 -6.61
C ILE B 8 4.74 -12.93 -6.69
N GLN B 9 5.52 -12.11 -5.96
CA GLN B 9 6.96 -12.36 -5.86
C GLN B 9 7.21 -13.65 -5.07
N LYS B 10 8.05 -14.54 -5.64
CA LYS B 10 8.40 -15.79 -4.99
C LYS B 10 9.81 -15.84 -4.46
N ARG B 11 10.71 -15.06 -5.05
CA ARG B 11 12.14 -15.17 -4.71
C ARG B 11 12.72 -13.83 -4.28
N GLU B 12 13.68 -13.90 -3.37
CA GLU B 12 14.41 -12.75 -2.81
C GLU B 12 13.47 -11.69 -2.22
N LYS B 13 12.44 -12.15 -1.50
CA LYS B 13 11.56 -11.23 -0.82
C LYS B 13 12.27 -10.56 0.36
N LEU B 14 12.16 -9.22 0.43
CA LEU B 14 12.68 -8.51 1.59
C LEU B 14 11.88 -8.84 2.85
N ASN B 15 10.56 -8.80 2.73
CA ASN B 15 9.66 -8.94 3.87
C ASN B 15 8.60 -9.99 3.60
N THR B 16 8.02 -10.45 4.70
CA THR B 16 6.87 -11.32 4.70
C THR B 16 5.68 -10.48 5.14
N VAL B 17 4.54 -10.61 4.46
CA VAL B 17 3.32 -9.92 4.85
C VAL B 17 2.37 -10.96 5.41
N GLU B 18 1.72 -10.63 6.52
CA GLU B 18 0.81 -11.55 7.17
C GLU B 18 -0.51 -10.86 7.45
N ARG B 19 -1.58 -11.63 7.41
CA ARG B 19 -2.92 -11.22 7.79
C ARG B 19 -3.21 -11.63 9.23
N ILE B 20 -3.66 -10.69 10.06
CA ILE B 20 -3.89 -10.92 11.49
C ILE B 20 -5.39 -10.95 11.75
N GLY B 21 -5.83 -11.89 12.61
CA GLY B 21 -7.20 -11.92 13.10
C GLY B 21 -8.18 -12.53 12.11
N SER B 22 -9.47 -12.23 12.34
CA SER B 22 -10.58 -12.84 11.62
C SER B 22 -11.18 -11.87 10.60
N GLU B 23 -12.00 -12.43 9.70
CA GLU B 23 -12.79 -11.62 8.79
C GLU B 23 -13.77 -10.75 9.56
N GLY B 24 -13.92 -9.51 9.11
CA GLY B 24 -14.80 -8.56 9.76
C GLY B 24 -15.72 -7.89 8.75
N PRO B 25 -16.03 -6.61 8.98
CA PRO B 25 -16.95 -5.90 8.08
C PRO B 25 -16.53 -6.02 6.63
N GLY B 26 -17.52 -6.09 5.73
CA GLY B 26 -17.21 -6.20 4.31
C GLY B 26 -16.64 -7.52 3.87
N GLY B 27 -16.47 -8.47 4.80
CA GLY B 27 -15.76 -9.72 4.56
C GLY B 27 -14.26 -9.59 4.58
N ALA B 28 -13.73 -8.43 4.99
CA ALA B 28 -12.30 -8.15 4.87
C ALA B 28 -11.60 -8.36 6.20
N TYR B 29 -10.29 -8.56 6.11
CA TYR B 29 -9.42 -8.52 7.28
C TYR B 29 -8.98 -7.09 7.49
N HIS B 30 -8.64 -6.74 8.74
CA HIS B 30 -8.41 -5.32 9.07
C HIS B 30 -7.06 -5.04 9.71
N GLU B 31 -6.20 -6.05 9.82
CA GLU B 31 -4.87 -5.88 10.41
C GLU B 31 -3.88 -6.71 9.60
N TYR B 32 -2.81 -6.05 9.13
CA TYR B 32 -1.76 -6.76 8.41
C TYR B 32 -0.41 -6.40 8.99
N VAL B 33 0.50 -7.37 9.00
CA VAL B 33 1.85 -7.13 9.51
C VAL B 33 2.83 -7.28 8.36
N ILE B 34 3.79 -6.37 8.28
CA ILE B 34 4.93 -6.49 7.38
C ILE B 34 6.16 -6.72 8.25
N LYS B 35 6.83 -7.85 8.08
CA LYS B 35 8.02 -8.11 8.90
C LYS B 35 9.18 -8.58 8.03
N SER B 36 10.38 -8.21 8.45
CA SER B 36 11.52 -8.50 7.60
C SER B 36 11.81 -9.99 7.64
N ASN B 37 12.36 -10.47 6.53
CA ASN B 37 12.95 -11.80 6.51
C ASN B 37 14.33 -11.85 7.14
N SER B 38 14.88 -10.71 7.58
CA SER B 38 16.15 -10.66 8.31
C SER B 38 15.96 -10.28 9.78
N MET B 39 16.87 -10.79 10.62
CA MET B 39 16.91 -10.53 12.07
C MET B 39 18.12 -9.68 12.44
N ASP B 40 17.98 -8.87 13.50
CA ASP B 40 19.13 -8.07 13.93
C ASP B 40 20.08 -8.94 14.74
N SER B 41 21.06 -8.28 15.37
CA SER B 41 22.08 -9.01 16.13
C SER B 41 21.50 -9.77 17.31
N GLN B 42 20.31 -9.40 17.79
CA GLN B 42 19.70 -10.06 18.93
C GLN B 42 18.58 -11.01 18.53
N GLY B 43 18.39 -11.26 17.23
CA GLY B 43 17.36 -12.18 16.78
C GLY B 43 15.98 -11.60 16.71
N ASN B 44 15.86 -10.27 16.73
CA ASN B 44 14.59 -9.60 16.59
C ASN B 44 14.47 -9.11 15.14
N TYR B 45 13.23 -8.93 14.70
CA TYR B 45 12.98 -8.50 13.33
C TYR B 45 13.54 -7.10 13.08
N ASP B 46 14.23 -6.91 11.95
CA ASP B 46 14.63 -5.57 11.57
C ASP B 46 13.43 -4.68 11.31
N VAL B 47 12.36 -5.25 10.78
CA VAL B 47 11.15 -4.50 10.42
C VAL B 47 9.98 -5.31 10.96
N TYR B 48 9.07 -4.64 11.64
CA TYR B 48 7.84 -5.26 12.12
C TYR B 48 6.84 -4.11 12.18
N GLU B 49 6.07 -3.94 11.11
CA GLU B 49 5.15 -2.82 10.92
C GLU B 49 3.73 -3.33 10.79
N THR B 50 2.76 -2.62 11.40
CA THR B 50 1.38 -3.07 11.46
C THR B 50 0.50 -2.05 10.79
N ILE B 51 -0.37 -2.51 9.90
CA ILE B 51 -1.32 -1.62 9.21
C ILE B 51 -2.72 -2.02 9.63
N LYS B 52 -3.48 -1.05 10.15
CA LYS B 52 -4.83 -1.28 10.63
C LYS B 52 -5.80 -0.44 9.79
N PHE B 53 -6.78 -1.11 9.20
CA PHE B 53 -7.72 -0.47 8.28
C PHE B 53 -8.96 0.06 8.96
N GLN B 54 -9.55 1.08 8.33
CA GLN B 54 -10.94 1.47 8.60
C GLN B 54 -11.78 0.22 8.72
N LYS B 55 -12.49 0.09 9.82
CA LYS B 55 -13.18 -1.17 10.13
C LYS B 55 -14.65 -0.85 10.35
N GLY B 56 -15.47 -1.26 9.40
CA GLY B 56 -16.87 -0.91 9.32
C GLY B 56 -17.06 0.34 8.49
N ALA B 57 -18.19 0.40 7.77
CA ALA B 57 -18.41 1.53 6.89
C ALA B 57 -18.56 2.80 7.72
N ARG B 58 -18.05 3.90 7.17
CA ARG B 58 -17.67 5.00 8.06
C ARG B 58 -18.86 5.62 8.78
N LYS B 59 -20.08 5.50 8.26
CA LYS B 59 -21.23 6.09 8.93
C LYS B 59 -21.94 5.14 9.86
N GLU B 60 -21.52 3.88 9.95
CA GLU B 60 -22.24 2.92 10.77
C GLU B 60 -21.81 3.03 12.24
N GLU B 61 -22.73 2.70 13.13
CA GLU B 61 -22.39 2.63 14.55
C GLU B 61 -21.21 1.70 14.80
N LYS B 62 -20.28 2.16 15.64
CA LYS B 62 -19.14 1.39 16.14
C LYS B 62 -18.04 1.22 15.10
N SER B 63 -18.13 1.87 13.96
CA SER B 63 -17.03 1.76 13.02
C SER B 63 -15.81 2.45 13.59
N GLN B 64 -14.63 2.00 13.16
CA GLN B 64 -13.36 2.49 13.65
C GLN B 64 -12.53 3.04 12.50
N HIS B 65 -11.97 4.24 12.70
CA HIS B 65 -11.14 4.85 11.67
C HIS B 65 -9.81 4.12 11.55
N GLY B 66 -9.24 4.15 10.36
CA GLY B 66 -7.95 3.55 10.09
C GLY B 66 -7.48 3.89 8.68
N VAL B 67 -6.47 3.17 8.22
CA VAL B 67 -6.00 3.34 6.84
C VAL B 67 -7.07 2.85 5.87
N ILE B 68 -7.07 3.45 4.66
CA ILE B 68 -7.93 2.97 3.62
C ILE B 68 -7.03 2.53 2.46
N ASP B 69 -7.55 1.60 1.66
CA ASP B 69 -6.75 0.92 0.65
C ASP B 69 -6.16 1.91 -0.36
N SER B 70 -6.93 2.92 -0.75
CA SER B 70 -6.37 3.83 -1.74
C SER B 70 -5.20 4.62 -1.16
N ASP B 71 -5.11 4.81 0.18
CA ASP B 71 -3.94 5.50 0.72
C ASP B 71 -2.66 4.76 0.39
N LEU B 72 -2.69 3.42 0.56
CA LEU B 72 -1.49 2.62 0.30
C LEU B 72 -1.13 2.66 -1.17
N LEU B 73 -2.14 2.61 -2.06
CA LEU B 73 -1.83 2.68 -3.46
C LEU B 73 -1.30 4.06 -3.86
N GLU B 74 -1.74 5.12 -3.18
CA GLU B 74 -1.22 6.45 -3.50
C GLU B 74 0.25 6.56 -3.11
N ILE B 75 0.63 5.93 -2.00
CA ILE B 75 2.04 5.94 -1.62
C ILE B 75 2.87 5.23 -2.70
N VAL B 76 2.39 4.08 -3.16
CA VAL B 76 3.15 3.33 -4.18
C VAL B 76 3.19 4.08 -5.52
N ARG B 77 2.08 4.73 -5.87
CA ARG B 77 2.08 5.61 -7.04
C ARG B 77 3.15 6.69 -6.94
N ASP B 78 3.24 7.36 -5.79
CA ASP B 78 4.27 8.39 -5.64
C ASP B 78 5.69 7.79 -5.71
N ARG B 79 5.91 6.63 -5.10
CA ARG B 79 7.23 6.03 -5.14
C ARG B 79 7.63 5.69 -6.59
N LEU B 80 6.69 5.10 -7.33
CA LEU B 80 7.02 4.71 -8.72
C LEU B 80 7.30 5.94 -9.57
N LYS B 81 6.52 7.00 -9.35
CA LYS B 81 6.78 8.25 -10.05
C LYS B 81 8.18 8.75 -9.72
N SER B 82 8.57 8.67 -8.44
CA SER B 82 9.91 9.11 -8.06
C SER B 82 10.98 8.23 -8.73
N PHE B 83 10.78 6.91 -8.70
CA PHE B 83 11.73 6.02 -9.35
C PHE B 83 11.87 6.36 -10.82
N GLN B 84 10.77 6.72 -11.47
CA GLN B 84 10.83 6.97 -12.92
C GLN B 84 11.49 8.30 -13.25
N ALA B 85 11.54 9.22 -12.30
CA ALA B 85 12.28 10.47 -12.40
C ALA B 85 13.72 10.33 -11.95
N GLY B 86 14.10 9.15 -11.46
CA GLY B 86 15.40 8.99 -10.84
C GLY B 86 16.38 8.28 -11.75
N PRO B 87 17.54 7.93 -11.20
CA PRO B 87 18.62 7.37 -12.03
C PRO B 87 18.41 5.92 -12.43
N PHE B 88 17.45 5.21 -11.83
CA PHE B 88 17.23 3.82 -12.19
C PHE B 88 15.80 3.59 -12.68
N SER B 89 15.36 4.41 -13.63
CA SER B 89 14.04 4.24 -14.18
C SER B 89 14.00 2.97 -15.03
N SER B 90 12.80 2.41 -15.19
CA SER B 90 12.68 1.21 -16.00
C SER B 90 11.30 1.08 -16.61
N ARG B 91 11.23 0.28 -17.67
CA ARG B 91 9.95 0.03 -18.33
C ARG B 91 8.97 -0.68 -17.40
N GLU B 92 9.48 -1.61 -16.57
CA GLU B 92 8.62 -2.30 -15.61
C GLU B 92 8.02 -1.33 -14.61
N ASN B 93 8.81 -0.35 -14.15
CA ASN B 93 8.24 0.66 -13.26
C ASN B 93 7.12 1.43 -13.95
N ALA B 94 7.30 1.79 -15.23
CA ALA B 94 6.27 2.57 -15.91
C ALA B 94 4.99 1.77 -16.08
N CYS B 95 5.11 0.49 -16.45
CA CYS B 95 3.90 -0.33 -16.56
C CYS B 95 3.24 -0.54 -15.21
N ALA B 96 4.03 -0.80 -14.16
CA ALA B 96 3.48 -0.90 -12.81
C ALA B 96 2.73 0.37 -12.43
N LEU B 97 3.34 1.51 -12.70
CA LEU B 97 2.70 2.78 -12.31
C LEU B 97 1.34 2.96 -13.02
N THR B 98 1.27 2.69 -14.32
CA THR B 98 -0.02 2.85 -14.97
C THR B 98 -1.08 1.93 -14.34
N HIS B 99 -0.70 0.70 -14.00
CA HIS B 99 -1.68 -0.21 -13.40
C HIS B 99 -2.09 0.26 -12.00
N VAL B 100 -1.14 0.79 -11.21
CA VAL B 100 -1.50 1.33 -9.90
C VAL B 100 -2.50 2.46 -10.06
N GLU B 101 -2.23 3.36 -11.00
CA GLU B 101 -3.12 4.48 -11.22
C GLU B 101 -4.49 4.00 -11.71
N GLU B 102 -4.50 3.02 -12.61
CA GLU B 102 -5.81 2.54 -13.07
C GLU B 102 -6.58 1.88 -11.93
N ALA B 103 -5.87 1.20 -11.02
CA ALA B 103 -6.55 0.64 -9.86
C ALA B 103 -7.15 1.75 -9.01
N LEU B 104 -6.38 2.83 -8.80
CA LEU B 104 -6.89 3.96 -8.02
C LEU B 104 -8.10 4.61 -8.70
N MET B 105 -8.09 4.64 -10.02
CA MET B 105 -9.22 5.22 -10.74
C MET B 105 -10.48 4.38 -10.57
N TRP B 106 -10.35 3.05 -10.66
CA TRP B 106 -11.50 2.20 -10.40
C TRP B 106 -12.00 2.35 -8.98
N MET B 107 -11.07 2.46 -8.01
CA MET B 107 -11.49 2.63 -6.62
C MET B 107 -12.27 3.93 -6.44
N ASN B 108 -11.81 4.99 -7.08
CA ASN B 108 -12.48 6.28 -6.99
C ASN B 108 -13.80 6.26 -7.75
N ARG B 109 -13.87 5.52 -8.86
CA ARG B 109 -15.16 5.35 -9.53
C ARG B 109 -16.19 4.73 -8.60
N ARG B 110 -15.79 3.72 -7.82
CA ARG B 110 -16.68 3.16 -6.79
C ARG B 110 -17.11 4.24 -5.78
N VAL B 111 -16.14 4.97 -5.21
CA VAL B 111 -16.49 6.01 -4.24
C VAL B 111 -17.52 6.98 -4.83
N GLU B 112 -17.23 7.46 -6.06
CA GLU B 112 -18.10 8.51 -6.61
C GLU B 112 -19.47 7.96 -6.95
N ASP B 113 -19.53 6.68 -7.33
CA ASP B 113 -20.82 6.06 -7.56
C ASP B 113 -21.60 5.93 -6.27
N ARG B 114 -20.93 5.59 -5.17
CA ARG B 114 -21.64 5.45 -3.91
C ARG B 114 -22.10 6.80 -3.36
N ILE B 115 -21.32 7.86 -3.62
CA ILE B 115 -21.80 9.20 -3.30
C ILE B 115 -23.07 9.50 -4.08
N GLU B 116 -23.05 9.24 -5.39
CA GLU B 116 -24.22 9.58 -6.18
C GLU B 116 -25.44 8.82 -5.69
N ARG B 117 -25.25 7.59 -5.27
CA ARG B 117 -26.38 6.79 -4.84
C ARG B 117 -26.67 6.97 -3.35
N ASN B 118 -25.92 7.84 -2.68
CA ASN B 118 -26.11 8.16 -1.25
C ASN B 118 -25.97 6.92 -0.36
N VAL B 119 -24.99 6.07 -0.67
CA VAL B 119 -24.71 4.88 0.13
C VAL B 119 -23.29 4.82 0.66
N LEU B 120 -22.45 5.80 0.31
CA LEU B 120 -21.08 5.78 0.80
C LEU B 120 -21.06 5.81 2.34
N GLY B 121 -20.24 4.94 2.92
CA GLY B 121 -20.15 4.81 4.35
C GLY B 121 -21.28 4.03 4.99
N THR B 122 -22.09 3.33 4.19
CA THR B 122 -23.14 2.49 4.76
C THR B 122 -23.01 1.06 4.23
N ASN B 123 -23.57 0.12 4.99
CA ASN B 123 -23.53 -1.30 4.65
C ASN B 123 -24.64 -1.66 3.67
N THR B 124 -24.51 -1.12 2.46
CA THR B 124 -25.51 -1.29 1.41
C THR B 124 -24.81 -1.49 0.09
N LYS B 125 -25.39 -2.33 -0.76
CA LYS B 125 -24.82 -2.55 -2.09
C LYS B 125 -24.71 -1.24 -2.87
C17 MF6 C . 14.48 1.52 -2.82
C21 MF6 C . 17.96 1.18 -6.01
C24 MF6 C . 18.24 -0.99 -7.21
C02 MF6 C . 11.72 -0.25 -7.69
C04 MF6 C . 12.77 -0.74 -5.69
C06 MF6 C . 13.90 0.62 -7.24
C07 MF6 C . 12.83 0.55 -8.10
C09 MF6 C . 14.35 1.79 -9.03
C11 MF6 C . 16.16 1.76 -7.35
C12 MF6 C . 16.49 1.33 -5.96
C14 MF6 C . 16.46 2.25 -3.76
C16 MF6 C . 15.55 0.45 -2.56
C19 MF6 C . 15.30 2.73 -2.90
C23 MF6 C . 18.17 0.49 -7.36
C32 MF6 C . 15.12 -0.93 -2.97
N01 MF6 C . 10.55 -0.35 -8.53
N03 MF6 C . 11.70 -0.82 -6.50
N05 MF6 C . 13.81 -0.02 -6.06
N08 MF6 C . 13.10 1.31 -9.21
N10 MF6 C . 14.82 1.42 -7.82
O13 MF6 C . 16.04 2.38 -5.09
O15 MF6 C . 16.69 0.88 -3.33
O18 MF6 C . 13.53 1.56 -1.75
O20 MF6 C . 15.81 3.00 -1.58
O22 MF6 C . 18.55 2.47 -6.15
O25 MF6 C . 16.95 -1.43 -7.02
O27 MF6 C . 15.27 -3.42 -6.69
O28 MF6 C . 16.93 -2.65 -4.78
O30 MF6 C . 15.00 -4.00 -3.42
O31 MF6 C . 16.12 -1.83 -2.53
O33 MF6 C . 17.37 -4.01 -2.75
O34 MF6 C . 17.70 -3.84 -6.87
O35 MF6 C . 17.01 0.89 -8.14
P26 MF6 C . 16.65 -2.87 -6.39
P29 MF6 C . 16.29 -3.22 -3.42
C17 MF6 D . -13.95 -1.47 4.91
C21 MF6 D . -18.58 -1.86 3.66
C24 MF6 D . -19.63 -0.20 2.07
C02 MF6 D . -13.89 -1.33 -0.96
C04 MF6 D . -14.02 -0.24 1.10
C06 MF6 D . -15.56 -1.95 0.65
C07 MF6 D . -14.99 -2.17 -0.60
C09 MF6 D . -16.64 -3.57 -0.33
C11 MF6 D . -17.49 -2.96 1.91
C12 MF6 D . -17.23 -2.08 3.09
C14 MF6 D . -16.10 -2.31 5.24
C16 MF6 D . -14.86 -0.33 5.31
C19 MF6 D . -14.65 -2.57 5.57
C23 MF6 D . -19.44 -1.64 2.42
C32 MF6 D . -14.82 0.78 4.31
N01 MF6 D . -13.20 -1.40 -2.23
N03 MF6 D . -13.45 -0.40 -0.09
N05 MF6 D . -15.03 -1.00 1.43
N08 MF6 D . -15.68 -3.18 -1.19
N10 MF6 D . -16.58 -2.84 0.80
O13 MF6 D . -16.32 -2.78 3.94
O15 MF6 D . -16.18 -0.87 5.26
O18 MF6 D . -12.61 -1.21 5.37
O20 MF6 D . -14.45 -2.52 7.00
O22 MF6 D . -19.04 -3.08 4.23
O25 MF6 D . -18.40 0.27 1.60
O27 MF6 D . -16.88 2.16 0.56
O28 MF6 D . -17.42 2.10 3.13
O30 MF6 D . -15.18 3.62 2.87
O31 MF6 D . -15.54 1.89 4.83
O33 MF6 D . -16.90 4.04 4.53
O34 MF6 D . -19.10 2.69 1.49
O35 MF6 D . -18.71 -2.38 1.42
P26 MF6 D . -17.91 1.82 1.60
P29 MF6 D . -16.20 2.96 3.76
#